data_1XLY
#
_entry.id   1XLY
#
_cell.length_a   97.199
_cell.length_b   103.647
_cell.length_c   56.733
_cell.angle_alpha   90.00
_cell.angle_beta   110.51
_cell.angle_gamma   90.00
#
_symmetry.space_group_name_H-M   'C 1 2 1'
#
loop_
_entity.id
_entity.type
_entity.pdbx_description
1 polymer SHE2p
2 water water
#
_entity_poly.entity_id   1
_entity_poly.type   'polypeptide(L)'
_entity_poly.pdbx_seq_one_letter_code
;DIKVTPGTSELVEQILALLSRYLSSYIHVLNKFISHLRRVATLRFERTTLIKFVKKLRFYNDSVLSYNASEFINEGKNEL
DPEADSFDKVILPIASMFVKSVETFDLLNYYLTQSLQKEILSKTLNEDLTLTAESILAIDDTYNHFVKFSQWMIESLRIG
SNLLDLEVVQFAIKSADEDGTNIGETDNIFLQEILPVNSEEEFQTLSAAWHSILDGKLSALDEEFDVVATKWHD
;
_entity_poly.pdbx_strand_id   A,B
#
# COMPACT_ATOMS: atom_id res chain seq x y z
N ASP A 1 -25.71 11.68 7.72
CA ASP A 1 -26.72 11.19 8.71
C ASP A 1 -26.15 11.04 10.13
N ILE A 2 -25.37 10.00 10.35
CA ILE A 2 -24.77 9.80 11.66
C ILE A 2 -23.75 10.90 11.92
N LYS A 3 -23.86 11.50 13.11
CA LYS A 3 -22.99 12.60 13.49
C LYS A 3 -21.94 12.13 14.50
N VAL A 4 -20.78 12.78 14.48
CA VAL A 4 -19.74 12.50 15.49
C VAL A 4 -20.18 12.96 16.88
N THR A 5 -19.68 12.29 17.90
CA THR A 5 -19.95 12.68 19.28
C THR A 5 -18.65 12.98 20.03
N PRO A 6 -18.71 13.22 21.35
CA PRO A 6 -17.50 13.53 22.12
C PRO A 6 -16.63 12.29 22.46
N GLY A 7 -17.18 11.07 22.35
CA GLY A 7 -16.44 9.81 22.37
C GLY A 7 -15.76 9.38 21.02
N THR A 8 -16.12 9.97 19.89
CA THR A 8 -15.57 9.60 18.59
C THR A 8 -14.02 9.69 18.50
N SER A 9 -13.45 10.82 18.95
CA SER A 9 -12.01 10.94 18.81
C SER A 9 -11.33 9.76 19.51
N GLU A 10 -11.82 9.36 20.69
CA GLU A 10 -11.33 8.19 21.40
C GLU A 10 -11.45 6.90 20.54
N LEU A 11 -12.59 6.75 19.89
CA LEU A 11 -12.78 5.50 19.18
C LEU A 11 -11.73 5.47 18.02
N VAL A 12 -11.55 6.60 17.32
CA VAL A 12 -10.63 6.68 16.18
C VAL A 12 -9.21 6.33 16.66
N GLU A 13 -8.81 6.83 17.85
CA GLU A 13 -7.44 6.56 18.34
C GLU A 13 -7.25 5.12 18.73
N GLN A 14 -8.30 4.49 19.26
CA GLN A 14 -8.24 3.06 19.53
C GLN A 14 -8.12 2.20 18.27
N ILE A 15 -8.85 2.57 17.22
CA ILE A 15 -8.72 1.85 15.98
C ILE A 15 -7.33 2.03 15.39
N LEU A 16 -6.81 3.27 15.38
CA LEU A 16 -5.48 3.51 14.88
C LEU A 16 -4.42 2.82 15.71
N ALA A 17 -4.68 2.67 17.01
CA ALA A 17 -3.68 1.97 17.92
C ALA A 17 -3.52 0.52 17.53
N LEU A 18 -4.59 -0.16 17.11
CA LEU A 18 -4.40 -1.50 16.57
C LEU A 18 -3.49 -1.58 15.39
N LEU A 19 -3.67 -0.68 14.42
CA LEU A 19 -2.79 -0.59 13.25
C LEU A 19 -1.34 -0.32 13.68
N SER A 20 -1.18 0.61 14.58
CA SER A 20 0.22 0.81 15.11
C SER A 20 0.83 -0.49 15.68
N ARG A 21 0.01 -1.29 16.43
CA ARG A 21 0.48 -2.55 16.98
C ARG A 21 0.80 -3.56 15.88
N TYR A 22 -0.04 -3.60 14.83
CA TYR A 22 0.31 -4.51 13.74
C TYR A 22 1.67 -4.09 13.07
N LEU A 23 1.82 -2.79 12.77
CA LEU A 23 3.03 -2.26 12.12
C LEU A 23 4.25 -2.51 13.01
N SER A 24 4.12 -2.14 14.30
CA SER A 24 5.25 -2.29 15.34
C SER A 24 5.70 -3.72 15.52
N SER A 25 4.79 -4.70 15.43
CA SER A 25 5.19 -6.10 15.47
C SER A 25 6.09 -6.55 14.33
N TYR A 26 5.76 -6.23 13.08
CA TYR A 26 6.67 -6.50 11.99
C TYR A 26 7.98 -5.68 12.16
N ILE A 27 7.82 -4.43 12.54
CA ILE A 27 9.07 -3.61 12.64
C ILE A 27 10.06 -4.44 13.53
N HIS A 28 9.57 -4.86 14.67
CA HIS A 28 10.37 -5.61 15.70
C HIS A 28 10.95 -6.90 15.14
N VAL A 29 10.14 -7.78 14.53
CA VAL A 29 10.76 -8.95 14.11
C VAL A 29 11.64 -8.72 12.86
N LEU A 30 11.28 -7.82 11.95
CA LEU A 30 12.12 -7.72 10.82
C LEU A 30 13.45 -6.96 11.24
N ASN A 31 13.35 -6.06 12.14
CA ASN A 31 14.69 -5.41 12.63
C ASN A 31 15.66 -6.55 13.09
N LYS A 32 15.15 -7.53 13.84
CA LYS A 32 15.93 -8.68 14.31
C LYS A 32 16.44 -9.56 13.19
N PHE A 33 15.56 -9.92 12.26
CA PHE A 33 16.03 -10.66 11.10
C PHE A 33 17.02 -9.94 10.25
N ILE A 34 16.80 -8.63 9.95
CA ILE A 34 17.72 -7.86 9.15
C ILE A 34 19.06 -7.83 9.90
N SER A 35 19.01 -7.68 11.19
CA SER A 35 20.32 -7.63 11.92
C SER A 35 21.09 -9.01 11.77
N HIS A 36 20.41 -10.13 11.97
CA HIS A 36 20.99 -11.48 11.80
C HIS A 36 21.54 -11.65 10.35
N LEU A 37 20.83 -11.10 9.35
CA LEU A 37 21.17 -11.34 7.97
C LEU A 37 22.48 -10.56 7.70
N ARG A 38 22.95 -9.73 8.68
CA ARG A 38 24.23 -9.18 8.37
C ARG A 38 25.30 -10.25 8.22
N ARG A 39 25.12 -11.41 8.84
CA ARG A 39 26.15 -12.43 8.83
C ARG A 39 26.19 -13.32 7.63
N VAL A 40 25.14 -13.22 6.78
CA VAL A 40 24.98 -14.10 5.60
C VAL A 40 25.27 -13.31 4.32
N ALA A 41 26.39 -13.56 3.71
CA ALA A 41 26.86 -12.70 2.69
C ALA A 41 26.09 -12.84 1.42
N THR A 42 25.45 -13.98 1.20
CA THR A 42 24.69 -14.10 -0.09
C THR A 42 23.29 -13.49 -0.09
N LEU A 43 22.86 -12.98 1.06
CA LEU A 43 21.53 -12.42 1.15
C LEU A 43 21.58 -10.92 1.25
N ARG A 44 22.75 -10.33 0.88
CA ARG A 44 22.99 -8.88 0.87
C ARG A 44 21.85 -8.06 0.32
N PHE A 45 21.30 -8.47 -0.86
CA PHE A 45 20.30 -7.66 -1.52
C PHE A 45 18.85 -7.94 -1.10
N GLU A 46 18.56 -9.12 -0.63
CA GLU A 46 17.29 -9.38 0.06
C GLU A 46 17.23 -8.55 1.32
N ARG A 47 18.37 -8.41 1.99
CA ARG A 47 18.40 -7.67 3.21
C ARG A 47 18.06 -6.21 2.97
N THR A 48 18.59 -5.64 1.89
CA THR A 48 18.24 -4.26 1.55
C THR A 48 16.83 -4.05 1.11
N THR A 49 16.25 -5.06 0.40
CA THR A 49 14.85 -4.98 0.25
C THR A 49 14.06 -4.99 1.50
N LEU A 50 14.38 -5.86 2.47
CA LEU A 50 13.59 -5.87 3.68
C LEU A 50 13.78 -4.55 4.39
N ILE A 51 15.02 -4.03 4.36
CA ILE A 51 15.17 -2.69 4.97
C ILE A 51 14.34 -1.54 4.33
N LYS A 52 14.22 -1.58 3.02
CA LYS A 52 13.23 -0.73 2.36
C LYS A 52 11.82 -0.88 2.98
N PHE A 53 11.33 -2.11 3.09
CA PHE A 53 9.97 -2.34 3.57
C PHE A 53 9.91 -1.89 5.03
N VAL A 54 10.92 -2.22 5.82
CA VAL A 54 10.83 -1.68 7.19
C VAL A 54 10.78 -0.20 7.35
N LYS A 55 11.55 0.52 6.55
CA LYS A 55 11.51 2.00 6.58
C LYS A 55 10.11 2.49 6.27
N LYS A 56 9.43 1.77 5.34
CA LYS A 56 8.09 2.22 5.07
C LYS A 56 7.09 2.00 6.22
N LEU A 57 7.13 0.80 6.83
CA LEU A 57 6.27 0.45 7.92
C LEU A 57 6.54 1.40 9.09
N ARG A 58 7.82 1.68 9.31
CA ARG A 58 8.09 2.69 10.39
C ARG A 58 7.53 4.03 10.07
N PHE A 59 7.64 4.45 8.79
CA PHE A 59 6.99 5.67 8.39
C PHE A 59 5.53 5.69 8.63
N TYR A 60 4.81 4.63 8.18
CA TYR A 60 3.38 4.56 8.58
C TYR A 60 3.06 4.56 10.07
N ASN A 61 3.85 3.82 10.84
CA ASN A 61 3.61 3.75 12.23
C ASN A 61 3.86 5.15 12.84
N ASP A 62 4.97 5.76 12.52
CA ASP A 62 5.19 7.16 13.02
C ASP A 62 4.03 8.16 12.58
N SER A 63 3.48 8.02 11.35
CA SER A 63 2.35 8.83 10.95
C SER A 63 1.09 8.54 11.84
N VAL A 64 0.73 7.26 11.99
CA VAL A 64 -0.40 6.90 12.82
C VAL A 64 -0.30 7.45 14.28
N LEU A 65 0.91 7.35 14.83
CA LEU A 65 1.07 7.74 16.21
C LEU A 65 1.13 9.28 16.36
N SER A 66 1.28 9.98 15.26
CA SER A 66 1.26 11.44 15.24
C SER A 66 -0.08 12.00 14.96
N TYR A 67 -1.07 11.17 14.59
CA TYR A 67 -2.35 11.72 14.20
C TYR A 67 -3.14 12.13 15.42
N ASN A 68 -3.49 13.40 15.46
CA ASN A 68 -4.29 13.90 16.57
C ASN A 68 -5.74 13.90 16.09
N ALA A 69 -6.51 12.85 16.39
CA ALA A 69 -7.84 12.69 15.75
C ALA A 69 -8.76 13.91 15.91
N SER A 70 -8.73 14.48 17.12
CA SER A 70 -9.37 15.74 17.52
C SER A 70 -9.24 16.90 16.51
N GLU A 71 -8.04 17.11 15.99
CA GLU A 71 -7.80 18.13 14.99
C GLU A 71 -8.76 17.97 13.77
N PHE A 72 -9.20 16.75 13.47
CA PHE A 72 -9.89 16.49 12.20
C PHE A 72 -11.38 16.24 12.48
N ILE A 73 -11.74 16.42 13.75
CA ILE A 73 -13.10 16.10 14.14
C ILE A 73 -13.78 17.35 14.71
N ASN A 74 -14.73 17.90 13.94
CA ASN A 74 -15.61 18.97 14.42
C ASN A 74 -16.95 18.46 14.90
N GLU A 75 -17.05 18.36 16.22
CA GLU A 75 -18.30 18.06 16.88
C GLU A 75 -19.22 19.29 16.87
N GLY A 76 -20.38 19.17 17.51
CA GLY A 76 -21.21 20.34 17.79
C GLY A 76 -21.11 20.80 19.23
N LYS A 77 -22.24 21.31 19.74
CA LYS A 77 -22.46 21.41 21.18
C LYS A 77 -23.47 20.31 21.51
N ASN A 78 -24.27 19.98 20.49
CA ASN A 78 -25.33 18.98 20.53
C ASN A 78 -25.94 19.13 19.14
N GLU A 79 -25.37 18.41 18.17
CA GLU A 79 -25.69 18.59 16.73
C GLU A 79 -25.90 20.05 16.32
N LEU A 80 -24.81 20.84 16.33
CA LEU A 80 -24.79 22.15 15.66
C LEU A 80 -25.18 21.89 14.20
N ASP A 81 -26.43 22.23 13.87
CA ASP A 81 -27.05 21.91 12.59
C ASP A 81 -26.04 21.59 11.49
N PRO A 82 -25.57 22.64 10.81
CA PRO A 82 -24.70 22.53 9.62
C PRO A 82 -23.20 22.23 9.84
N GLU A 83 -22.68 22.29 11.08
CA GLU A 83 -21.23 22.13 11.36
C GLU A 83 -20.73 20.83 12.07
N ALA A 84 -21.59 20.08 12.77
CA ALA A 84 -21.14 18.80 13.34
C ALA A 84 -20.76 17.90 12.18
N ASP A 85 -19.55 17.33 12.30
CA ASP A 85 -19.05 16.39 11.30
C ASP A 85 -19.89 15.10 11.22
N SER A 86 -20.11 14.64 10.01
CA SER A 86 -20.71 13.36 9.78
C SER A 86 -19.69 12.29 10.18
N PHE A 87 -20.17 11.23 10.80
CA PHE A 87 -19.36 10.10 11.20
C PHE A 87 -18.65 9.43 10.05
N ASP A 88 -19.39 9.08 8.98
CA ASP A 88 -18.76 8.45 7.85
C ASP A 88 -17.57 9.28 7.36
N LYS A 89 -17.66 10.60 7.41
CA LYS A 89 -16.55 11.43 6.94
C LYS A 89 -15.36 11.37 7.91
N VAL A 90 -15.63 11.15 9.17
CA VAL A 90 -14.49 11.04 10.13
C VAL A 90 -13.72 9.69 9.97
N ILE A 91 -14.47 8.62 9.72
CA ILE A 91 -13.86 7.35 9.50
C ILE A 91 -13.10 7.15 8.14
N LEU A 92 -13.49 7.86 7.08
CA LEU A 92 -12.93 7.64 5.74
C LEU A 92 -11.35 7.68 5.69
N PRO A 93 -10.78 8.74 6.24
CA PRO A 93 -9.30 8.82 6.24
C PRO A 93 -8.65 7.63 6.99
N ILE A 94 -9.29 7.17 8.07
CA ILE A 94 -8.79 6.03 8.85
C ILE A 94 -8.85 4.77 7.99
N ALA A 95 -10.02 4.53 7.41
CA ALA A 95 -10.16 3.40 6.47
C ALA A 95 -9.20 3.42 5.33
N SER A 96 -8.99 4.61 4.75
CA SER A 96 -7.94 4.85 3.75
C SER A 96 -6.52 4.43 4.23
N MET A 97 -6.18 4.82 5.45
CA MET A 97 -4.88 4.42 6.00
C MET A 97 -4.80 2.87 6.18
N PHE A 98 -5.91 2.26 6.61
CA PHE A 98 -5.94 0.82 6.74
C PHE A 98 -5.72 0.17 5.42
N VAL A 99 -6.45 0.64 4.42
CA VAL A 99 -6.34 0.05 3.05
C VAL A 99 -4.89 0.14 2.51
N LYS A 100 -4.27 1.31 2.64
CA LYS A 100 -2.93 1.47 2.11
C LYS A 100 -2.00 0.52 2.91
N SER A 101 -2.18 0.43 4.24
CA SER A 101 -1.30 -0.41 5.03
C SER A 101 -1.53 -1.89 4.75
N VAL A 102 -2.79 -2.30 4.63
CA VAL A 102 -3.03 -3.70 4.23
C VAL A 102 -2.40 -4.08 2.89
N GLU A 103 -2.49 -3.26 1.87
CA GLU A 103 -1.87 -3.56 0.58
C GLU A 103 -0.33 -3.59 0.68
N THR A 104 0.26 -2.78 1.56
CA THR A 104 1.68 -2.96 1.77
C THR A 104 1.99 -4.31 2.38
N PHE A 105 1.21 -4.74 3.40
CA PHE A 105 1.50 -5.97 4.12
C PHE A 105 1.25 -7.08 3.13
N ASP A 106 0.31 -6.88 2.21
CA ASP A 106 0.11 -7.99 1.18
C ASP A 106 1.44 -8.22 0.41
N LEU A 107 2.10 -7.14 -0.06
CA LEU A 107 3.32 -7.21 -0.85
C LEU A 107 4.42 -7.74 0.03
N LEU A 108 4.53 -7.16 1.22
CA LEU A 108 5.61 -7.64 2.10
C LEU A 108 5.45 -9.14 2.54
N ASN A 109 4.25 -9.55 2.97
CA ASN A 109 4.00 -10.96 3.27
C ASN A 109 4.37 -11.88 2.17
N TYR A 110 4.01 -11.53 0.97
CA TYR A 110 4.33 -12.39 -0.18
C TYR A 110 5.90 -12.44 -0.38
N TYR A 111 6.55 -11.30 -0.29
CA TYR A 111 8.01 -11.34 -0.41
C TYR A 111 8.59 -12.21 0.75
N LEU A 112 8.12 -11.98 1.96
CA LEU A 112 8.80 -12.50 3.16
C LEU A 112 8.48 -14.03 3.34
N THR A 113 7.26 -14.42 2.97
CA THR A 113 6.82 -15.80 3.22
C THR A 113 6.83 -16.70 2.03
N GLN A 114 6.83 -16.14 0.83
CA GLN A 114 6.94 -16.97 -0.32
C GLN A 114 8.30 -16.84 -0.97
N SER A 115 8.53 -15.72 -1.67
CA SER A 115 9.68 -15.54 -2.57
C SER A 115 10.95 -15.71 -1.79
N LEU A 116 11.05 -14.99 -0.69
CA LEU A 116 12.34 -14.97 0.07
C LEU A 116 12.60 -16.32 0.67
N GLN A 117 11.55 -16.99 1.13
CA GLN A 117 11.81 -18.29 1.75
C GLN A 117 12.44 -19.24 0.75
N LYS A 118 11.84 -19.32 -0.47
CA LYS A 118 12.44 -20.14 -1.47
C LYS A 118 13.84 -19.70 -1.79
N GLU A 119 14.08 -18.40 -1.89
CA GLU A 119 15.38 -17.95 -2.26
C GLU A 119 16.39 -18.34 -1.18
N ILE A 120 15.95 -18.24 0.07
CA ILE A 120 16.93 -18.56 1.19
C ILE A 120 17.29 -20.01 1.14
N LEU A 121 16.29 -20.85 0.82
CA LEU A 121 16.61 -22.27 0.77
C LEU A 121 17.53 -22.57 -0.42
N SER A 122 17.25 -21.91 -1.57
CA SER A 122 17.98 -22.16 -2.80
C SER A 122 19.44 -21.70 -2.64
N LYS A 123 19.67 -20.63 -1.85
CA LYS A 123 21.03 -20.06 -1.72
C LYS A 123 21.89 -20.70 -0.60
N THR A 124 21.22 -21.19 0.41
CA THR A 124 21.90 -21.64 1.62
C THR A 124 21.54 -23.02 2.10
N LEU A 125 20.42 -23.59 1.62
CA LEU A 125 19.90 -24.79 2.31
C LEU A 125 19.63 -24.69 3.86
N ASN A 126 19.58 -23.47 4.37
CA ASN A 126 19.72 -23.26 5.77
C ASN A 126 18.38 -22.96 6.41
N GLU A 127 17.78 -24.01 7.00
CA GLU A 127 16.40 -23.92 7.55
C GLU A 127 16.33 -23.07 8.77
N ASP A 128 17.46 -22.87 9.43
CA ASP A 128 17.46 -21.88 10.45
C ASP A 128 17.17 -20.45 10.01
N LEU A 129 17.38 -20.12 8.76
CA LEU A 129 17.10 -18.76 8.28
C LEU A 129 15.64 -18.61 7.79
N THR A 130 14.87 -19.68 7.84
CA THR A 130 13.49 -19.60 7.35
C THR A 130 12.47 -19.38 8.49
N LEU A 131 11.29 -18.95 8.11
CA LEU A 131 10.21 -18.79 9.04
C LEU A 131 9.67 -20.18 9.32
N THR A 132 9.14 -20.33 10.50
CA THR A 132 8.41 -21.49 10.89
C THR A 132 7.06 -21.58 10.16
N ALA A 133 6.54 -22.79 10.02
CA ALA A 133 5.25 -22.89 9.41
C ALA A 133 4.16 -22.19 10.28
N GLU A 134 4.37 -22.13 11.60
CA GLU A 134 3.33 -21.56 12.43
C GLU A 134 3.37 -20.05 12.28
N SER A 135 4.55 -19.47 12.04
CA SER A 135 4.59 -18.01 11.87
C SER A 135 3.89 -17.67 10.56
N ILE A 136 4.08 -18.42 9.51
CA ILE A 136 3.44 -17.99 8.24
C ILE A 136 1.91 -18.06 8.44
N LEU A 137 1.47 -19.12 9.08
CA LEU A 137 0.04 -19.27 9.39
C LEU A 137 -0.46 -18.05 10.17
N ALA A 138 0.25 -17.63 11.22
CA ALA A 138 -0.18 -16.48 11.98
C ALA A 138 -0.12 -15.17 11.13
N ILE A 139 0.84 -15.06 10.23
CA ILE A 139 0.91 -13.87 9.37
C ILE A 139 -0.32 -13.88 8.51
N ASP A 140 -0.63 -15.03 7.93
CA ASP A 140 -1.79 -15.01 6.97
C ASP A 140 -3.10 -14.70 7.74
N ASP A 141 -3.19 -15.18 8.96
CA ASP A 141 -4.44 -15.09 9.76
C ASP A 141 -4.63 -13.67 10.15
N THR A 142 -3.52 -13.04 10.60
CA THR A 142 -3.70 -11.67 10.96
C THR A 142 -4.02 -10.82 9.82
N TYR A 143 -3.33 -11.03 8.73
CA TYR A 143 -3.62 -10.21 7.58
C TYR A 143 -5.13 -10.39 7.18
N ASN A 144 -5.58 -11.65 7.11
CA ASN A 144 -6.97 -11.81 6.65
C ASN A 144 -7.97 -11.06 7.58
N HIS A 145 -7.71 -11.04 8.87
CA HIS A 145 -8.59 -10.35 9.76
C HIS A 145 -8.51 -8.83 9.69
N PHE A 146 -7.32 -8.24 9.39
CA PHE A 146 -7.27 -6.81 9.20
C PHE A 146 -7.98 -6.45 7.87
N VAL A 147 -7.82 -7.30 6.89
CA VAL A 147 -8.51 -7.07 5.62
C VAL A 147 -10.02 -7.05 5.96
N LYS A 148 -10.52 -8.08 6.63
CA LYS A 148 -11.99 -8.14 6.94
C LYS A 148 -12.41 -6.98 7.82
N PHE A 149 -11.58 -6.61 8.81
CA PHE A 149 -11.94 -5.44 9.57
C PHE A 149 -12.09 -4.24 8.70
N SER A 150 -11.16 -4.02 7.77
CA SER A 150 -11.16 -2.84 6.94
C SER A 150 -12.45 -2.91 6.06
N GLN A 151 -12.71 -4.05 5.46
CA GLN A 151 -13.93 -4.17 4.67
C GLN A 151 -15.13 -3.79 5.55
N TRP A 152 -15.16 -4.28 6.81
CA TRP A 152 -16.23 -4.04 7.76
C TRP A 152 -16.49 -2.56 8.02
N MET A 153 -15.43 -1.80 8.40
CA MET A 153 -15.59 -0.37 8.51
C MET A 153 -16.14 0.31 7.28
N ILE A 154 -15.65 -0.07 6.11
CA ILE A 154 -15.92 0.67 4.90
C ILE A 154 -17.38 0.39 4.48
N GLU A 155 -17.73 -0.90 4.45
CA GLU A 155 -19.08 -1.33 4.01
C GLU A 155 -20.18 -1.04 5.04
N SER A 156 -19.91 -1.15 6.35
CA SER A 156 -20.91 -0.80 7.35
C SER A 156 -21.27 0.69 7.32
N LEU A 157 -20.37 1.55 6.81
CA LEU A 157 -20.68 2.97 6.64
C LEU A 157 -21.07 3.31 5.21
N ARG A 158 -21.09 2.33 4.32
CA ARG A 158 -21.34 2.61 2.91
C ARG A 158 -20.41 3.68 2.38
N ILE A 159 -19.12 3.64 2.76
CA ILE A 159 -18.14 4.58 2.20
C ILE A 159 -17.27 3.96 1.08
N GLY A 160 -17.65 2.77 0.61
CA GLY A 160 -16.81 2.03 -0.30
C GLY A 160 -16.87 2.58 -1.70
N SER A 161 -15.84 2.29 -2.49
CA SER A 161 -15.77 2.74 -3.88
C SER A 161 -14.67 1.91 -4.50
N ASN A 162 -14.60 1.87 -5.83
CA ASN A 162 -13.48 1.26 -6.49
C ASN A 162 -12.09 1.67 -5.89
N LEU A 163 -11.99 2.90 -5.43
CA LEU A 163 -10.72 3.46 -4.99
C LEU A 163 -10.35 3.04 -3.57
N LEU A 164 -11.26 2.40 -2.87
CA LEU A 164 -11.02 1.99 -1.50
C LEU A 164 -11.08 0.43 -1.48
N ASP A 165 -11.28 -0.19 -2.64
CA ASP A 165 -11.36 -1.66 -2.67
C ASP A 165 -9.95 -2.28 -2.43
N LEU A 166 -9.93 -3.40 -1.71
CA LEU A 166 -8.76 -4.24 -1.55
C LEU A 166 -8.69 -5.33 -2.58
N GLU A 167 -7.50 -5.52 -3.13
CA GLU A 167 -7.16 -6.62 -4.06
C GLU A 167 -7.65 -7.95 -3.68
N VAL A 168 -7.36 -8.40 -2.48
CA VAL A 168 -7.67 -9.74 -2.09
C VAL A 168 -9.23 -9.97 -2.03
N VAL A 169 -9.99 -8.94 -1.68
CA VAL A 169 -11.44 -9.06 -1.49
C VAL A 169 -12.05 -9.14 -2.91
N GLN A 170 -11.63 -8.21 -3.77
CA GLN A 170 -12.07 -8.23 -5.15
C GLN A 170 -11.73 -9.53 -5.87
N PHE A 171 -10.55 -10.07 -5.57
CA PHE A 171 -10.13 -11.36 -6.06
C PHE A 171 -11.07 -12.48 -5.61
N ALA A 172 -11.41 -12.53 -4.31
CA ALA A 172 -12.35 -13.51 -3.77
C ALA A 172 -13.73 -13.35 -4.43
N ILE A 173 -14.18 -12.12 -4.60
CA ILE A 173 -15.44 -11.84 -5.27
C ILE A 173 -15.34 -12.40 -6.69
N LYS A 174 -14.51 -11.80 -7.54
CA LYS A 174 -14.31 -12.27 -8.94
C LYS A 174 -14.14 -13.78 -9.11
N SER A 175 -13.70 -14.45 -8.05
CA SER A 175 -13.69 -15.89 -8.01
C SER A 175 -15.12 -16.40 -7.73
N ALA A 176 -16.14 -15.60 -8.13
CA ALA A 176 -17.55 -16.01 -8.30
C ALA A 176 -17.80 -16.41 -9.75
N ASP A 177 -17.18 -17.53 -10.11
CA ASP A 177 -17.33 -18.21 -11.39
C ASP A 177 -17.63 -19.65 -11.02
N GLU A 178 -18.20 -19.80 -9.82
CA GLU A 178 -18.63 -21.09 -9.29
C GLU A 178 -19.87 -20.88 -8.41
N ASP A 187 -16.56 -21.08 5.31
CA ASP A 187 -15.41 -20.48 6.00
C ASP A 187 -14.80 -19.37 5.15
N ASN A 188 -15.66 -18.77 4.32
CA ASN A 188 -15.35 -18.00 3.11
C ASN A 188 -15.21 -16.47 3.39
N ILE A 189 -14.18 -16.10 4.16
CA ILE A 189 -14.20 -14.87 4.98
C ILE A 189 -14.53 -13.54 4.30
N PHE A 190 -14.04 -13.35 3.08
CA PHE A 190 -14.19 -12.06 2.40
C PHE A 190 -15.47 -11.94 1.62
N LEU A 191 -16.17 -13.06 1.49
CA LEU A 191 -16.92 -13.29 0.26
C LEU A 191 -18.26 -12.62 0.15
N GLN A 192 -19.31 -13.39 0.44
CA GLN A 192 -20.68 -12.93 0.38
C GLN A 192 -21.03 -13.05 1.85
N GLU A 193 -19.97 -13.04 2.68
CA GLU A 193 -20.11 -12.75 4.08
C GLU A 193 -20.30 -11.26 3.98
N ILE A 194 -21.57 -10.86 3.94
CA ILE A 194 -21.98 -9.46 3.76
C ILE A 194 -22.11 -8.81 5.12
N LEU A 195 -22.39 -7.51 5.11
CA LEU A 195 -22.69 -6.75 6.32
C LEU A 195 -23.55 -5.53 5.99
N PRO A 196 -24.29 -5.03 6.99
CA PRO A 196 -25.25 -3.91 6.80
C PRO A 196 -25.18 -2.52 7.54
N VAL A 197 -24.88 -2.47 8.84
CA VAL A 197 -25.66 -1.68 9.85
C VAL A 197 -25.28 -0.23 10.33
N ASN A 198 -25.87 0.27 11.48
CA ASN A 198 -26.77 1.50 11.64
C ASN A 198 -26.77 2.74 12.66
N SER A 199 -25.82 2.92 13.59
CA SER A 199 -25.68 4.17 14.40
C SER A 199 -24.25 4.27 14.94
N GLU A 200 -23.80 5.40 15.53
CA GLU A 200 -22.42 5.41 16.10
C GLU A 200 -22.26 4.45 17.26
N GLU A 201 -23.29 4.37 18.09
CA GLU A 201 -23.39 3.34 19.13
C GLU A 201 -23.26 1.91 18.57
N GLU A 202 -23.92 1.61 17.46
CA GLU A 202 -23.83 0.27 16.94
C GLU A 202 -22.43 0.01 16.30
N PHE A 203 -21.88 1.03 15.65
CA PHE A 203 -20.51 0.99 15.18
C PHE A 203 -19.56 0.73 16.34
N GLN A 204 -19.79 1.41 17.47
CA GLN A 204 -18.80 1.36 18.58
C GLN A 204 -18.80 -0.09 19.13
N THR A 205 -19.96 -0.72 19.15
CA THR A 205 -20.12 -2.05 19.68
C THR A 205 -19.38 -3.10 18.84
N LEU A 206 -19.59 -3.03 17.55
CA LEU A 206 -18.98 -3.99 16.67
C LEU A 206 -17.48 -3.75 16.62
N SER A 207 -17.05 -2.50 16.86
CA SER A 207 -15.64 -2.21 16.73
C SER A 207 -15.02 -2.62 18.07
N ALA A 208 -15.81 -2.63 19.15
CA ALA A 208 -15.31 -3.24 20.40
C ALA A 208 -15.04 -4.76 20.24
N ALA A 209 -15.96 -5.49 19.61
CA ALA A 209 -15.74 -6.89 19.29
C ALA A 209 -14.48 -7.08 18.37
N TRP A 210 -14.44 -6.34 17.25
CA TRP A 210 -13.29 -6.42 16.32
C TRP A 210 -11.95 -6.08 17.05
N HIS A 211 -11.99 -5.11 17.91
CA HIS A 211 -10.78 -4.76 18.68
C HIS A 211 -10.28 -5.98 19.39
N SER A 212 -11.21 -6.74 19.99
CA SER A 212 -10.82 -7.90 20.74
C SER A 212 -10.32 -9.04 19.83
N ILE A 213 -10.96 -9.28 18.70
CA ILE A 213 -10.52 -10.30 17.79
C ILE A 213 -9.05 -9.91 17.26
N LEU A 214 -8.87 -8.64 16.90
CA LEU A 214 -7.58 -8.21 16.34
C LEU A 214 -6.49 -8.20 17.41
N ASP A 215 -6.85 -7.81 18.60
CA ASP A 215 -5.90 -7.87 19.70
C ASP A 215 -5.40 -9.32 19.98
N GLY A 216 -6.33 -10.29 19.92
CA GLY A 216 -5.95 -11.69 19.99
C GLY A 216 -5.08 -12.19 18.79
N LYS A 217 -5.45 -11.84 17.57
CA LYS A 217 -4.58 -12.17 16.44
C LYS A 217 -3.14 -11.61 16.63
N LEU A 218 -3.06 -10.38 17.05
CA LEU A 218 -1.76 -9.72 17.26
C LEU A 218 -0.93 -10.34 18.36
N SER A 219 -1.57 -10.81 19.44
CA SER A 219 -0.78 -11.52 20.49
C SER A 219 -0.33 -12.84 19.97
N ALA A 220 -1.17 -13.52 19.19
CA ALA A 220 -0.68 -14.75 18.66
C ALA A 220 0.52 -14.53 17.73
N LEU A 221 0.48 -13.47 16.90
CA LEU A 221 1.50 -13.17 15.90
C LEU A 221 2.81 -12.93 16.63
N ASP A 222 2.75 -12.07 17.63
CA ASP A 222 3.89 -11.74 18.48
C ASP A 222 4.51 -12.94 19.11
N GLU A 223 3.65 -13.91 19.46
CA GLU A 223 4.19 -15.12 20.07
C GLU A 223 4.92 -15.92 19.00
N GLU A 224 4.32 -16.13 17.84
CA GLU A 224 5.04 -16.80 16.79
C GLU A 224 6.33 -16.02 16.39
N PHE A 225 6.25 -14.70 16.35
CA PHE A 225 7.42 -13.90 15.98
C PHE A 225 8.51 -14.13 17.04
N ASP A 226 8.13 -14.23 18.31
CA ASP A 226 9.15 -14.42 19.39
C ASP A 226 9.80 -15.77 19.23
N VAL A 227 9.02 -16.77 18.81
CA VAL A 227 9.54 -18.10 18.62
C VAL A 227 10.53 -18.14 17.42
N VAL A 228 10.16 -17.59 16.27
CA VAL A 228 11.03 -17.69 15.14
C VAL A 228 12.34 -16.93 15.42
N ALA A 229 12.28 -15.84 16.16
CA ALA A 229 13.48 -15.01 16.36
C ALA A 229 14.45 -15.68 17.33
N THR A 230 13.97 -16.71 18.01
CA THR A 230 14.78 -17.68 18.78
C THR A 230 15.87 -18.27 17.94
N LYS A 231 15.53 -18.66 16.71
CA LYS A 231 16.48 -19.28 15.81
C LYS A 231 17.63 -18.37 15.42
N TRP A 232 17.61 -17.05 15.74
CA TRP A 232 18.54 -16.04 15.15
C TRP A 232 19.48 -15.43 16.18
N THR B 8 -15.42 20.12 -13.09
CA THR B 8 -14.81 19.45 -11.91
C THR B 8 -14.84 17.96 -12.13
N SER B 9 -15.91 17.46 -12.74
CA SER B 9 -16.04 16.02 -13.04
C SER B 9 -14.96 15.59 -14.06
N GLU B 10 -14.83 16.36 -15.15
CA GLU B 10 -13.91 16.04 -16.23
C GLU B 10 -12.47 16.32 -15.78
N LEU B 11 -12.35 17.11 -14.71
CA LEU B 11 -11.06 17.37 -14.11
C LEU B 11 -10.61 16.15 -13.29
N VAL B 12 -11.52 15.57 -12.52
CA VAL B 12 -11.17 14.33 -11.84
C VAL B 12 -10.87 13.19 -12.83
N GLU B 13 -11.51 13.17 -13.98
CA GLU B 13 -11.23 12.14 -14.95
C GLU B 13 -9.85 12.37 -15.59
N GLN B 14 -9.48 13.63 -15.77
CA GLN B 14 -8.17 13.94 -16.27
C GLN B 14 -7.07 13.51 -15.28
N ILE B 15 -7.29 13.75 -13.99
CA ILE B 15 -6.25 13.48 -12.99
C ILE B 15 -6.09 11.96 -12.90
N LEU B 16 -7.20 11.24 -12.84
CA LEU B 16 -7.17 9.79 -12.75
C LEU B 16 -6.57 9.15 -13.98
N ALA B 17 -6.83 9.70 -15.17
CA ALA B 17 -6.17 9.24 -16.39
C ALA B 17 -4.64 9.36 -16.35
N LEU B 18 -4.07 10.39 -15.74
CA LEU B 18 -2.61 10.43 -15.61
C LEU B 18 -2.17 9.22 -14.77
N LEU B 19 -2.85 8.98 -13.67
CA LEU B 19 -2.50 7.84 -12.82
C LEU B 19 -2.64 6.53 -13.59
N SER B 20 -3.74 6.34 -14.31
CA SER B 20 -3.84 5.14 -15.17
C SER B 20 -2.72 4.98 -16.21
N ARG B 21 -2.23 6.07 -16.76
CA ARG B 21 -1.15 5.99 -17.72
C ARG B 21 0.17 5.55 -17.05
N TYR B 22 0.43 6.10 -15.86
CA TYR B 22 1.64 5.71 -15.08
C TYR B 22 1.61 4.27 -14.75
N LEU B 23 0.47 3.82 -14.21
CA LEU B 23 0.31 2.40 -13.91
C LEU B 23 0.42 1.49 -15.15
N SER B 24 -0.31 1.82 -16.23
CA SER B 24 -0.26 0.97 -17.47
C SER B 24 1.06 0.86 -18.14
N SER B 25 1.85 1.91 -18.08
CA SER B 25 3.19 1.93 -18.59
C SER B 25 4.14 0.92 -17.85
N TYR B 26 4.09 0.88 -16.52
CA TYR B 26 4.81 -0.18 -15.79
C TYR B 26 4.24 -1.53 -16.06
N ILE B 27 2.92 -1.65 -16.10
CA ILE B 27 2.33 -2.96 -16.32
C ILE B 27 2.93 -3.52 -17.62
N HIS B 28 2.94 -2.68 -18.65
CA HIS B 28 3.38 -3.06 -20.00
C HIS B 28 4.84 -3.53 -20.02
N VAL B 29 5.76 -2.72 -19.48
CA VAL B 29 7.16 -3.08 -19.54
C VAL B 29 7.53 -4.25 -18.59
N LEU B 30 6.89 -4.36 -17.42
CA LEU B 30 7.11 -5.51 -16.54
C LEU B 30 6.46 -6.81 -17.08
N ASN B 31 5.31 -6.72 -17.72
CA ASN B 31 4.78 -7.91 -18.38
C ASN B 31 5.81 -8.50 -19.36
N LYS B 32 6.53 -7.64 -20.08
CA LYS B 32 7.58 -8.05 -21.05
C LYS B 32 8.85 -8.58 -20.34
N PHE B 33 9.30 -7.87 -19.32
CA PHE B 33 10.37 -8.38 -18.45
C PHE B 33 10.08 -9.76 -17.85
N ILE B 34 8.95 -9.91 -17.20
CA ILE B 34 8.48 -11.20 -16.66
C ILE B 34 8.44 -12.33 -17.72
N SER B 35 8.05 -12.00 -18.94
CA SER B 35 8.01 -13.04 -19.99
C SER B 35 9.43 -13.48 -20.30
N HIS B 36 10.31 -12.51 -20.52
CA HIS B 36 11.68 -12.79 -20.84
C HIS B 36 12.41 -13.54 -19.71
N LEU B 37 11.92 -13.43 -18.46
CA LEU B 37 12.60 -14.05 -17.32
C LEU B 37 12.09 -15.44 -17.20
N ARG B 38 11.02 -15.75 -17.92
CA ARG B 38 10.36 -17.06 -17.84
C ARG B 38 11.32 -18.26 -17.84
N ARG B 39 12.46 -18.14 -18.54
CA ARG B 39 13.37 -19.30 -18.70
C ARG B 39 14.80 -19.10 -18.12
N VAL B 40 14.96 -18.12 -17.23
CA VAL B 40 16.22 -17.88 -16.57
C VAL B 40 16.04 -18.44 -15.17
N ALA B 41 16.50 -19.66 -15.00
CA ALA B 41 16.12 -20.37 -13.79
C ALA B 41 16.70 -19.67 -12.55
N THR B 42 17.86 -19.03 -12.67
CA THR B 42 18.46 -18.39 -11.50
C THR B 42 17.63 -17.18 -11.02
N LEU B 43 16.61 -16.80 -11.80
CA LEU B 43 15.85 -15.60 -11.53
C LEU B 43 14.40 -15.87 -11.29
N ARG B 44 14.09 -17.13 -11.06
CA ARG B 44 12.75 -17.66 -10.88
C ARG B 44 11.91 -16.93 -9.74
N PHE B 45 12.52 -16.73 -8.58
CA PHE B 45 11.76 -16.25 -7.42
C PHE B 45 11.71 -14.74 -7.48
N GLU B 46 12.71 -14.10 -8.06
CA GLU B 46 12.58 -12.67 -8.44
C GLU B 46 11.44 -12.39 -9.42
N ARG B 47 11.26 -13.32 -10.37
CA ARG B 47 10.24 -13.18 -11.37
C ARG B 47 8.91 -13.24 -10.63
N THR B 48 8.75 -14.15 -9.67
CA THR B 48 7.53 -14.23 -8.88
C THR B 48 7.26 -13.01 -8.03
N THR B 49 8.28 -12.39 -7.42
CA THR B 49 7.99 -11.12 -6.81
C THR B 49 7.58 -10.00 -7.72
N LEU B 50 8.15 -9.91 -8.89
CA LEU B 50 7.67 -8.96 -9.86
C LEU B 50 6.26 -9.27 -10.24
N ILE B 51 5.95 -10.51 -10.44
CA ILE B 51 4.50 -10.81 -10.75
C ILE B 51 3.47 -10.34 -9.69
N LYS B 52 3.83 -10.53 -8.40
CA LYS B 52 3.05 -9.98 -7.31
C LYS B 52 2.86 -8.43 -7.47
N PHE B 53 3.95 -7.67 -7.66
CA PHE B 53 3.83 -6.22 -7.81
C PHE B 53 2.94 -5.90 -9.05
N VAL B 54 3.21 -6.56 -10.14
CA VAL B 54 2.40 -6.22 -11.35
C VAL B 54 0.92 -6.50 -11.10
N LYS B 55 0.62 -7.57 -10.39
CA LYS B 55 -0.79 -7.87 -10.12
C LYS B 55 -1.46 -6.77 -9.32
N LYS B 56 -0.72 -6.17 -8.38
CA LYS B 56 -1.25 -5.05 -7.63
C LYS B 56 -1.39 -3.81 -8.49
N LEU B 57 -0.42 -3.53 -9.39
CA LEU B 57 -0.56 -2.36 -10.23
C LEU B 57 -1.79 -2.56 -11.14
N ARG B 58 -1.95 -3.77 -11.64
CA ARG B 58 -3.15 -4.07 -12.49
C ARG B 58 -4.42 -3.83 -11.75
N PHE B 59 -4.50 -4.33 -10.53
CA PHE B 59 -5.60 -4.07 -9.65
C PHE B 59 -5.88 -2.59 -9.44
N TYR B 60 -4.85 -1.77 -9.09
CA TYR B 60 -5.09 -0.37 -8.99
C TYR B 60 -5.62 0.25 -10.32
N ASN B 61 -5.05 -0.18 -11.43
CA ASN B 61 -5.38 0.39 -12.72
C ASN B 61 -6.83 0.07 -13.01
N ASP B 62 -7.21 -1.19 -12.89
CA ASP B 62 -8.63 -1.56 -13.07
C ASP B 62 -9.55 -0.78 -12.11
N SER B 63 -9.06 -0.53 -10.90
CA SER B 63 -9.89 0.19 -9.97
C SER B 63 -10.15 1.59 -10.46
N VAL B 64 -9.08 2.26 -10.91
CA VAL B 64 -9.16 3.64 -11.35
C VAL B 64 -10.08 3.71 -12.64
N LEU B 65 -9.85 2.82 -13.58
CA LEU B 65 -10.60 2.79 -14.84
C LEU B 65 -12.09 2.53 -14.60
N SER B 66 -12.42 1.65 -13.66
CA SER B 66 -13.80 1.44 -13.25
C SER B 66 -14.43 2.59 -12.50
N TYR B 67 -13.60 3.42 -11.88
CA TYR B 67 -14.14 4.52 -11.14
C TYR B 67 -14.77 5.54 -12.10
N ASN B 68 -16.07 5.73 -11.96
CA ASN B 68 -16.66 6.77 -12.76
C ASN B 68 -17.14 7.96 -11.92
N ALA B 69 -16.51 9.10 -12.18
CA ALA B 69 -16.68 10.31 -11.39
C ALA B 69 -18.07 10.87 -11.65
N SER B 70 -18.92 10.81 -10.62
CA SER B 70 -20.37 10.97 -10.75
C SER B 70 -20.96 11.16 -9.37
N GLU B 71 -20.11 11.09 -8.36
CA GLU B 71 -20.55 11.29 -6.99
C GLU B 71 -20.29 12.74 -6.56
N PHE B 87 -17.85 15.99 -1.43
CA PHE B 87 -17.01 16.91 -0.68
C PHE B 87 -15.72 16.15 -0.30
N ASP B 88 -15.58 15.85 0.99
CA ASP B 88 -14.57 14.94 1.53
C ASP B 88 -14.70 13.53 0.94
N LYS B 89 -15.91 13.16 0.53
CA LYS B 89 -16.17 11.80 0.06
C LYS B 89 -15.91 11.60 -1.45
N VAL B 90 -15.52 12.67 -2.14
CA VAL B 90 -14.95 12.59 -3.49
C VAL B 90 -13.41 12.81 -3.50
N ILE B 91 -12.96 13.95 -2.95
CA ILE B 91 -11.53 14.26 -2.83
C ILE B 91 -10.70 13.12 -2.21
N LEU B 92 -11.14 12.64 -1.05
CA LEU B 92 -10.29 11.80 -0.20
C LEU B 92 -9.99 10.40 -0.73
N PRO B 93 -10.97 9.68 -1.27
CA PRO B 93 -10.68 8.43 -1.98
C PRO B 93 -9.71 8.69 -3.15
N ILE B 94 -9.77 9.82 -3.86
CA ILE B 94 -8.84 10.09 -4.97
C ILE B 94 -7.41 10.42 -4.52
N ALA B 95 -7.25 11.31 -3.55
CA ALA B 95 -5.97 11.59 -2.90
C ALA B 95 -5.40 10.30 -2.29
N SER B 96 -6.26 9.51 -1.73
CA SER B 96 -5.91 8.28 -1.06
C SER B 96 -5.36 7.31 -2.10
N MET B 97 -6.01 7.27 -3.27
CA MET B 97 -5.55 6.40 -4.30
C MET B 97 -4.17 6.87 -4.79
N PHE B 98 -3.94 8.16 -5.01
CA PHE B 98 -2.67 8.58 -5.52
C PHE B 98 -1.59 8.21 -4.45
N VAL B 99 -1.89 8.44 -3.21
CA VAL B 99 -0.84 8.23 -2.10
C VAL B 99 -0.45 6.73 -2.04
N LYS B 100 -1.45 5.88 -2.07
CA LYS B 100 -1.25 4.48 -2.03
C LYS B 100 -0.48 3.99 -3.28
N SER B 101 -0.83 4.52 -4.49
CA SER B 101 -0.14 4.17 -5.73
C SER B 101 1.34 4.65 -5.65
N VAL B 102 1.52 5.89 -5.25
CA VAL B 102 2.88 6.38 -5.17
C VAL B 102 3.73 5.50 -4.21
N GLU B 103 3.20 5.08 -3.08
CA GLU B 103 4.09 4.45 -2.03
C GLU B 103 4.40 3.06 -2.58
N THR B 104 3.45 2.54 -3.35
CA THR B 104 3.81 1.33 -4.06
C THR B 104 4.88 1.40 -5.08
N PHE B 105 4.86 2.42 -5.97
CA PHE B 105 5.90 2.59 -6.91
C PHE B 105 7.20 2.89 -6.14
N ASP B 106 7.02 3.48 -5.01
CA ASP B 106 8.36 3.73 -4.19
C ASP B 106 9.01 2.36 -3.88
N LEU B 107 8.23 1.40 -3.37
CA LEU B 107 8.72 0.06 -3.08
C LEU B 107 9.14 -0.65 -4.32
N LEU B 108 8.25 -0.68 -5.33
CA LEU B 108 8.65 -1.34 -6.57
C LEU B 108 9.87 -0.77 -7.28
N ASN B 109 10.04 0.57 -7.31
CA ASN B 109 11.24 1.17 -7.94
C ASN B 109 12.48 0.77 -7.22
N TYR B 110 12.39 0.74 -5.88
CA TYR B 110 13.60 0.36 -5.11
C TYR B 110 13.98 -1.09 -5.45
N TYR B 111 12.98 -1.98 -5.54
CA TYR B 111 13.26 -3.36 -5.74
C TYR B 111 13.80 -3.51 -7.21
N LEU B 112 13.14 -2.86 -8.13
CA LEU B 112 13.48 -2.98 -9.54
C LEU B 112 14.79 -2.26 -9.91
N THR B 113 15.10 -1.10 -9.34
CA THR B 113 16.29 -0.40 -9.85
C THR B 113 17.47 -0.50 -8.96
N GLN B 114 17.24 -0.97 -7.70
CA GLN B 114 18.37 -1.19 -6.90
C GLN B 114 18.59 -2.66 -6.63
N SER B 115 17.83 -3.24 -5.72
CA SER B 115 18.15 -4.59 -5.33
C SER B 115 18.16 -5.59 -6.46
N LEU B 116 17.12 -5.59 -7.27
CA LEU B 116 17.08 -6.58 -8.36
C LEU B 116 18.22 -6.36 -9.36
N GLN B 117 18.58 -5.10 -9.63
CA GLN B 117 19.69 -4.86 -10.57
C GLN B 117 21.00 -5.47 -10.11
N LYS B 118 21.34 -5.19 -8.87
CA LYS B 118 22.48 -5.87 -8.26
C LYS B 118 22.33 -7.40 -8.24
N GLU B 119 21.19 -7.92 -7.83
CA GLU B 119 21.07 -9.33 -7.86
C GLU B 119 21.27 -9.87 -9.26
N ILE B 120 20.73 -9.19 -10.27
CA ILE B 120 20.86 -9.72 -11.64
C ILE B 120 22.37 -9.78 -12.04
N LEU B 121 23.12 -8.74 -11.70
CA LEU B 121 24.49 -8.68 -12.05
C LEU B 121 25.22 -9.79 -11.32
N SER B 122 24.82 -10.05 -10.07
CA SER B 122 25.52 -11.06 -9.25
C SER B 122 25.30 -12.49 -9.73
N LYS B 123 24.07 -12.80 -10.17
CA LYS B 123 23.69 -14.13 -10.62
C LYS B 123 24.07 -14.39 -12.10
N THR B 124 23.89 -13.42 -12.96
CA THR B 124 24.17 -13.67 -14.37
C THR B 124 25.54 -13.26 -14.79
N LEU B 125 26.19 -12.39 -14.01
CA LEU B 125 27.50 -11.92 -14.42
C LEU B 125 27.54 -11.05 -15.69
N ASN B 126 26.41 -10.59 -16.20
CA ASN B 126 26.46 -9.67 -17.34
C ASN B 126 25.33 -8.65 -17.29
N GLU B 127 25.24 -7.79 -18.31
CA GLU B 127 24.29 -6.67 -18.33
C GLU B 127 23.14 -6.87 -19.28
N ASP B 128 22.91 -8.09 -19.72
CA ASP B 128 21.89 -8.28 -20.73
C ASP B 128 20.44 -8.17 -20.22
N LEU B 129 20.25 -8.36 -18.91
CA LEU B 129 18.91 -8.24 -18.37
C LEU B 129 18.74 -6.99 -17.52
N THR B 130 19.77 -6.15 -17.36
CA THR B 130 19.56 -5.01 -16.56
C THR B 130 18.86 -3.84 -17.25
N LEU B 131 18.45 -2.86 -16.45
CA LEU B 131 17.83 -1.63 -16.95
C LEU B 131 18.93 -0.70 -17.43
N THR B 132 18.63 0.13 -18.45
CA THR B 132 19.58 1.18 -18.84
C THR B 132 19.68 2.26 -17.79
N ALA B 133 20.81 2.95 -17.74
CA ALA B 133 20.98 4.04 -16.81
C ALA B 133 19.92 5.12 -17.08
N GLU B 134 19.46 5.16 -18.34
CA GLU B 134 18.50 6.16 -18.74
C GLU B 134 17.10 5.84 -18.33
N SER B 135 16.77 4.54 -18.32
CA SER B 135 15.44 4.08 -17.87
C SER B 135 15.30 4.31 -16.38
N ILE B 136 16.41 4.16 -15.64
CA ILE B 136 16.39 4.39 -14.22
C ILE B 136 16.21 5.88 -13.95
N LEU B 137 16.88 6.73 -14.73
CA LEU B 137 16.73 8.17 -14.52
C LEU B 137 15.29 8.62 -14.81
N ALA B 138 14.69 8.03 -15.83
CA ALA B 138 13.29 8.33 -16.17
C ALA B 138 12.30 7.84 -15.09
N ILE B 139 12.52 6.62 -14.59
CA ILE B 139 11.71 6.08 -13.47
C ILE B 139 11.77 7.01 -12.27
N ASP B 140 12.97 7.44 -11.90
CA ASP B 140 13.09 8.29 -10.74
C ASP B 140 12.50 9.69 -10.99
N ASP B 141 12.68 10.20 -12.21
CA ASP B 141 12.12 11.53 -12.54
C ASP B 141 10.61 11.53 -12.50
N THR B 142 9.96 10.50 -13.04
CA THR B 142 8.52 10.48 -13.01
C THR B 142 8.01 10.36 -11.60
N TYR B 143 8.57 9.40 -10.86
CA TYR B 143 8.21 9.23 -9.48
C TYR B 143 8.30 10.57 -8.73
N ASN B 144 9.38 11.30 -8.91
CA ASN B 144 9.56 12.49 -8.06
C ASN B 144 8.46 13.59 -8.40
N HIS B 145 8.13 13.66 -9.68
CA HIS B 145 7.04 14.51 -10.17
C HIS B 145 5.66 14.07 -9.71
N PHE B 146 5.31 12.78 -9.79
CA PHE B 146 4.08 12.30 -9.10
C PHE B 146 3.98 12.56 -7.60
N VAL B 147 5.11 12.49 -6.91
CA VAL B 147 5.17 12.84 -5.48
C VAL B 147 4.86 14.34 -5.26
N LYS B 148 5.59 15.23 -5.95
CA LYS B 148 5.32 16.69 -5.84
C LYS B 148 3.89 17.01 -6.29
N PHE B 149 3.42 16.39 -7.37
CA PHE B 149 2.03 16.63 -7.83
C PHE B 149 1.03 16.25 -6.73
N SER B 150 1.23 15.07 -6.12
CA SER B 150 0.30 14.58 -5.10
C SER B 150 0.37 15.49 -3.91
N GLN B 151 1.57 15.84 -3.50
CA GLN B 151 1.74 16.74 -2.36
C GLN B 151 1.10 18.12 -2.61
N TRP B 152 1.29 18.67 -3.82
CA TRP B 152 0.65 19.94 -4.25
C TRP B 152 -0.89 19.85 -4.15
N MET B 153 -1.51 18.79 -4.66
CA MET B 153 -2.94 18.77 -4.60
C MET B 153 -3.43 18.73 -3.15
N ILE B 154 -2.92 17.78 -2.39
CA ILE B 154 -3.36 17.55 -1.04
C ILE B 154 -3.21 18.86 -0.21
N GLU B 155 -2.11 19.57 -0.38
CA GLU B 155 -1.83 20.74 0.46
C GLU B 155 -2.74 21.91 0.01
N SER B 156 -2.96 21.99 -1.30
CA SER B 156 -3.67 23.13 -1.82
C SER B 156 -5.13 22.95 -1.47
N LEU B 157 -5.62 21.72 -1.61
CA LEU B 157 -7.00 21.41 -1.22
C LEU B 157 -7.17 21.35 0.32
N ARG B 158 -6.10 21.65 1.07
CA ARG B 158 -6.13 21.62 2.53
C ARG B 158 -6.71 20.35 3.17
N ILE B 159 -6.43 19.21 2.55
CA ILE B 159 -6.85 17.91 3.10
C ILE B 159 -5.67 17.09 3.70
N GLY B 160 -4.54 17.75 3.98
CA GLY B 160 -3.35 17.09 4.50
C GLY B 160 -3.54 16.57 5.93
N SER B 161 -2.94 15.42 6.24
CA SER B 161 -2.90 14.85 7.59
C SER B 161 -1.74 13.85 7.61
N ASN B 162 -1.33 13.46 8.83
CA ASN B 162 -0.37 12.35 8.94
C ASN B 162 -0.81 11.13 8.08
N LEU B 163 -2.11 10.93 7.90
CA LEU B 163 -2.54 9.71 7.18
C LEU B 163 -2.50 9.89 5.70
N LEU B 164 -2.11 11.07 5.24
CA LEU B 164 -1.87 11.22 3.83
C LEU B 164 -0.45 11.62 3.51
N ASP B 165 0.42 11.81 4.49
CA ASP B 165 1.76 12.08 4.17
C ASP B 165 2.47 10.97 3.32
N LEU B 166 3.39 11.39 2.45
CA LEU B 166 4.27 10.47 1.74
C LEU B 166 5.64 10.34 2.39
N GLU B 167 6.17 9.11 2.46
CA GLU B 167 7.44 8.87 3.15
C GLU B 167 8.50 9.83 2.70
N VAL B 168 8.62 9.98 1.37
CA VAL B 168 9.78 10.68 0.84
C VAL B 168 9.81 12.19 1.11
N VAL B 169 8.64 12.78 1.28
CA VAL B 169 8.51 14.20 1.57
C VAL B 169 9.08 14.50 2.99
N GLN B 170 9.25 13.45 3.81
CA GLN B 170 9.84 13.54 5.18
C GLN B 170 11.36 13.69 5.18
N PHE B 171 12.06 12.92 4.35
CA PHE B 171 13.53 12.93 4.25
C PHE B 171 13.97 14.18 3.51
N ALA B 172 13.67 14.21 2.20
CA ALA B 172 13.93 15.38 1.35
C ALA B 172 13.55 16.73 1.98
N SER B 199 -7.05 31.90 -5.18
CA SER B 199 -6.83 30.51 -4.81
C SER B 199 -8.04 29.60 -5.05
N GLU B 200 -9.00 30.08 -5.83
CA GLU B 200 -10.09 29.24 -6.34
C GLU B 200 -9.85 28.93 -7.85
N GLU B 201 -9.31 29.92 -8.56
CA GLU B 201 -8.74 29.68 -9.88
C GLU B 201 -7.42 28.89 -9.68
N GLU B 202 -6.71 29.19 -8.59
CA GLU B 202 -5.48 28.50 -8.18
C GLU B 202 -5.44 27.01 -8.56
N PHE B 203 -6.36 26.22 -8.03
CA PHE B 203 -6.33 24.78 -8.26
C PHE B 203 -6.37 24.49 -9.75
N GLN B 204 -7.33 25.11 -10.43
CA GLN B 204 -7.59 24.91 -11.85
C GLN B 204 -6.33 25.19 -12.68
N THR B 205 -5.61 26.24 -12.29
CA THR B 205 -4.49 26.74 -13.08
C THR B 205 -3.26 25.82 -12.94
N LEU B 206 -2.95 25.45 -11.70
CA LEU B 206 -1.81 24.60 -11.42
C LEU B 206 -2.09 23.18 -11.91
N SER B 207 -3.35 22.75 -11.84
CA SER B 207 -3.70 21.44 -12.41
C SER B 207 -3.28 21.42 -13.85
N ALA B 208 -3.67 22.47 -14.58
CA ALA B 208 -3.32 22.57 -15.99
C ALA B 208 -1.81 22.50 -16.26
N ALA B 209 -1.02 23.28 -15.53
CA ALA B 209 0.39 23.22 -15.71
C ALA B 209 0.98 21.78 -15.38
N TRP B 210 0.57 21.21 -14.25
CA TRP B 210 0.95 19.84 -13.87
C TRP B 210 0.48 18.83 -14.87
N HIS B 211 -0.75 18.96 -15.35
CA HIS B 211 -1.16 18.00 -16.35
C HIS B 211 -0.14 18.05 -17.52
N SER B 212 0.35 19.25 -17.89
CA SER B 212 1.26 19.33 -19.03
C SER B 212 2.64 18.72 -18.70
N ILE B 213 3.20 19.10 -17.54
CA ILE B 213 4.47 18.54 -17.06
C ILE B 213 4.40 16.99 -17.01
N LEU B 214 3.32 16.45 -16.41
CA LEU B 214 3.27 14.98 -16.17
C LEU B 214 3.13 14.22 -17.44
N ASP B 215 2.39 14.83 -18.35
CA ASP B 215 2.10 14.22 -19.67
C ASP B 215 3.41 14.02 -20.39
N GLY B 216 4.25 15.05 -20.32
CA GLY B 216 5.60 14.96 -20.83
C GLY B 216 6.43 13.83 -20.20
N LYS B 217 6.59 13.88 -18.84
CA LYS B 217 7.27 12.82 -18.09
C LYS B 217 6.75 11.45 -18.48
N LEU B 218 5.45 11.25 -18.46
CA LEU B 218 4.95 9.95 -18.83
C LEU B 218 5.42 9.55 -20.21
N SER B 219 5.51 10.53 -21.13
CA SER B 219 5.88 10.25 -22.51
C SER B 219 7.34 9.92 -22.61
N ALA B 220 8.21 10.70 -21.97
CA ALA B 220 9.60 10.33 -21.80
C ALA B 220 9.77 8.89 -21.18
N LEU B 221 9.05 8.59 -20.10
CA LEU B 221 9.12 7.27 -19.47
C LEU B 221 8.83 6.17 -20.47
N ASP B 222 7.72 6.31 -21.17
CA ASP B 222 7.30 5.22 -22.03
C ASP B 222 8.31 5.04 -23.20
N GLU B 223 9.00 6.13 -23.53
CA GLU B 223 10.08 6.12 -24.52
C GLU B 223 11.24 5.24 -24.04
N GLU B 224 11.69 5.48 -22.80
CA GLU B 224 12.79 4.71 -22.24
C GLU B 224 12.36 3.27 -21.99
N PHE B 225 11.09 3.04 -21.73
CA PHE B 225 10.60 1.68 -21.57
C PHE B 225 10.70 0.86 -22.87
N ASP B 226 10.24 1.43 -23.99
CA ASP B 226 10.43 0.83 -25.31
C ASP B 226 11.91 0.60 -25.58
N VAL B 227 12.76 1.55 -25.22
CA VAL B 227 14.19 1.36 -25.40
C VAL B 227 14.71 0.14 -24.62
N VAL B 228 14.49 0.05 -23.29
CA VAL B 228 14.96 -1.17 -22.59
C VAL B 228 14.27 -2.45 -23.11
N ALA B 229 13.02 -2.40 -23.50
CA ALA B 229 12.38 -3.64 -23.95
C ALA B 229 13.03 -4.23 -25.23
N THR B 230 13.58 -3.36 -26.07
CA THR B 230 14.29 -3.79 -27.30
C THR B 230 15.66 -4.35 -26.96
N LYS B 231 16.26 -3.81 -25.88
CA LYS B 231 17.50 -4.34 -25.30
C LYS B 231 17.37 -5.80 -24.88
N TRP B 232 16.20 -6.20 -24.40
CA TRP B 232 16.02 -7.62 -24.07
C TRP B 232 15.72 -8.43 -25.35
#